data_9G6U
#
_entry.id   9G6U
#
_cell.length_a   64.816
_cell.length_b   71.158
_cell.length_c   105.602
_cell.angle_alpha   90.000
_cell.angle_beta   90.000
_cell.angle_gamma   90.000
#
_symmetry.space_group_name_H-M   'P 21 21 21'
#
loop_
_entity.id
_entity.type
_entity.pdbx_description
1 polymer 'Cellular tumor antigen p53'
2 non-polymer 3,5-bis(chloranyl)-6-ethyl-pyrazine-2-carbonitrile
3 non-polymer DI(HYDROXYETHYL)ETHER
4 non-polymer 1,2-ETHANEDIOL
5 non-polymer '4-(2-HYDROXYETHYL)-1-PIPERAZINE ETHANESULFONIC ACID'
6 non-polymer 'ZINC ION'
7 non-polymer GLYCEROL
8 non-polymer 'TRIETHYLENE GLYCOL'
9 water water
#
_entity_poly.entity_id   1
_entity_poly.type   'polypeptide(L)'
_entity_poly.pdbx_seq_one_letter_code
;SSSVPSQKTYQGSYGFRLGFLHSGTAKSVTCTYSPALNKLFCQLAKTCPVQLWVDSTPPPGTRVRAMAIYKQSQHMTEVV
RRCPHHERCSDSDGLAPPQHLIRVEGNLRAEYLDDRNTFRHSVVVPCEPPEVGSDCTTIHYNYMCYSSCMGGMNRRPILT
IITLEDSSGNLLGRDSFEVRVCACPGRDRRTEEENLRKKGEPHHELPPGSTKRALPNNT
;
_entity_poly.pdbx_strand_id   A,B
#
# COMPACT_ATOMS: atom_id res chain seq x y z
N SER A 2 -0.60 16.04 0.57
CA SER A 2 0.69 15.64 1.12
C SER A 2 1.07 14.25 0.60
N SER A 3 2.36 14.06 0.30
CA SER A 3 2.87 12.75 -0.10
C SER A 3 2.58 11.72 0.99
N VAL A 4 2.48 10.46 0.60
CA VAL A 4 1.99 9.41 1.49
C VAL A 4 3.18 8.61 1.99
N PRO A 5 3.40 8.49 3.31
CA PRO A 5 4.49 7.64 3.80
C PRO A 5 4.22 6.18 3.45
N SER A 6 5.32 5.46 3.20
CA SER A 6 5.22 4.04 2.89
C SER A 6 4.60 3.29 4.07
N GLN A 7 3.80 2.27 3.77
CA GLN A 7 3.32 1.38 4.81
C GLN A 7 3.84 -0.04 4.68
N LYS A 8 4.85 -0.28 3.84
CA LYS A 8 5.35 -1.63 3.57
C LYS A 8 6.01 -2.23 4.80
N THR A 9 5.54 -3.41 5.21
CA THR A 9 6.20 -4.13 6.31
C THR A 9 7.64 -4.44 5.93
N TYR A 10 8.57 -4.13 6.84
CA TYR A 10 10.00 -4.27 6.58
C TYR A 10 10.68 -4.68 7.88
N GLN A 11 11.12 -5.94 7.97
CA GLN A 11 11.81 -6.36 9.20
C GLN A 11 13.20 -5.76 9.30
N GLY A 12 13.91 -5.66 8.19
CA GLY A 12 15.25 -5.07 8.22
C GLY A 12 16.29 -5.98 8.88
N SER A 13 17.48 -5.39 9.07
N SER A 13 17.47 -5.38 9.10
CA SER A 13 18.64 -6.11 9.58
CA SER A 13 18.63 -6.11 9.57
C SER A 13 18.46 -6.63 11.00
C SER A 13 18.46 -6.63 11.00
N TYR A 14 17.59 -5.99 11.79
CA TYR A 14 17.42 -6.37 13.18
C TYR A 14 16.17 -7.20 13.43
N GLY A 15 15.37 -7.47 12.40
CA GLY A 15 14.21 -8.34 12.55
C GLY A 15 13.11 -7.67 13.33
N PHE A 16 12.85 -6.41 13.02
CA PHE A 16 11.89 -5.62 13.78
C PHE A 16 10.44 -6.02 13.45
N ARG A 17 9.62 -6.17 14.51
CA ARG A 17 8.18 -6.39 14.30
C ARG A 17 7.43 -6.02 15.57
N LEU A 18 6.14 -5.75 15.42
CA LEU A 18 5.27 -5.42 16.54
C LEU A 18 4.66 -6.67 17.15
N GLY A 19 4.17 -6.51 18.36
CA GLY A 19 3.40 -7.55 19.01
C GLY A 19 2.35 -6.92 19.86
N PHE A 20 1.27 -7.66 20.11
CA PHE A 20 0.18 -7.16 20.93
C PHE A 20 -0.18 -8.18 21.99
N LEU A 21 -0.57 -7.70 23.18
CA LEU A 21 -1.13 -8.56 24.21
C LEU A 21 -2.47 -9.16 23.78
N HIS A 22 -2.86 -10.25 24.43
CA HIS A 22 -4.19 -10.84 24.23
C HIS A 22 -5.12 -10.31 25.31
N SER A 23 -6.04 -9.43 24.92
CA SER A 23 -6.88 -8.73 25.88
C SER A 23 -8.34 -9.16 25.90
N GLY A 24 -8.83 -9.84 24.84
CA GLY A 24 -10.22 -10.31 24.82
C GLY A 24 -11.22 -9.26 24.36
N THR A 25 -12.50 -9.66 24.34
CA THR A 25 -13.57 -8.79 23.83
C THR A 25 -14.66 -8.54 24.86
N ALA A 26 -14.32 -8.58 26.15
CA ALA A 26 -15.32 -8.32 27.18
C ALA A 26 -15.76 -6.86 27.18
N LYS A 27 -16.87 -6.61 27.89
CA LYS A 27 -17.42 -5.26 28.01
C LYS A 27 -16.44 -4.31 28.68
N SER A 28 -15.58 -4.84 29.55
CA SER A 28 -14.65 -4.06 30.32
C SER A 28 -13.40 -3.66 29.55
N VAL A 29 -13.14 -4.24 28.38
CA VAL A 29 -11.87 -3.99 27.71
C VAL A 29 -11.86 -2.59 27.13
N THR A 30 -10.75 -1.90 27.33
CA THR A 30 -10.52 -0.56 26.82
C THR A 30 -9.64 -0.56 25.59
N CYS A 31 -8.97 -1.67 25.31
CA CYS A 31 -8.00 -1.76 24.23
C CYS A 31 -7.85 -3.24 23.87
N THR A 32 -8.03 -3.57 22.59
CA THR A 32 -8.01 -4.98 22.18
C THR A 32 -7.52 -5.08 20.74
N TYR A 33 -6.69 -6.08 20.46
CA TYR A 33 -6.07 -6.20 19.15
C TYR A 33 -6.62 -7.42 18.43
N SER A 34 -6.99 -7.27 17.15
CA SER A 34 -7.50 -8.37 16.34
C SER A 34 -6.40 -8.82 15.38
N PRO A 35 -5.78 -9.98 15.57
CA PRO A 35 -4.81 -10.46 14.55
C PRO A 35 -5.46 -10.79 13.21
N ALA A 36 -6.73 -11.21 13.20
CA ALA A 36 -7.39 -11.55 11.94
C ALA A 36 -7.56 -10.32 11.05
N LEU A 37 -7.80 -9.15 11.65
CA LEU A 37 -7.99 -7.89 10.94
C LEU A 37 -6.74 -7.01 10.92
N ASN A 38 -5.67 -7.43 11.62
CA ASN A 38 -4.53 -6.55 11.98
C ASN A 38 -5.02 -5.15 12.43
N LYS A 39 -5.96 -5.13 13.38
CA LYS A 39 -6.65 -3.91 13.77
C LYS A 39 -6.78 -3.80 15.28
N LEU A 40 -6.34 -2.65 15.81
CA LEU A 40 -6.46 -2.29 17.22
C LEU A 40 -7.75 -1.50 17.44
N PHE A 41 -8.52 -1.90 18.45
CA PHE A 41 -9.76 -1.22 18.83
C PHE A 41 -9.56 -0.63 20.22
N CYS A 42 -9.77 0.70 20.37
CA CYS A 42 -9.43 1.26 21.67
C CYS A 42 -10.37 2.41 22.02
N GLN A 43 -10.50 2.65 23.32
CA GLN A 43 -11.29 3.79 23.77
C GLN A 43 -10.46 5.05 23.71
N LEU A 44 -11.15 6.19 23.72
CA LEU A 44 -10.51 7.50 23.65
C LEU A 44 -9.51 7.68 24.79
N ALA A 45 -8.25 7.95 24.42
CA ALA A 45 -7.17 8.38 25.31
C ALA A 45 -6.85 7.36 26.38
N LYS A 46 -7.08 6.09 26.09
CA LYS A 46 -6.72 5.00 26.96
C LYS A 46 -5.38 4.40 26.54
N THR A 47 -4.70 3.79 27.50
CA THR A 47 -3.40 3.19 27.25
C THR A 47 -3.52 2.04 26.25
N CYS A 48 -2.74 2.13 25.16
CA CYS A 48 -2.66 1.05 24.19
C CYS A 48 -1.24 0.51 24.22
N PRO A 49 -0.99 -0.62 24.88
N PRO A 49 -1.00 -0.62 24.87
CA PRO A 49 0.37 -1.17 24.92
CA PRO A 49 0.37 -1.17 24.92
C PRO A 49 0.72 -1.85 23.62
C PRO A 49 0.72 -1.85 23.61
N VAL A 50 1.85 -1.47 23.03
CA VAL A 50 2.38 -2.10 21.83
C VAL A 50 3.76 -2.65 22.14
N GLN A 51 3.98 -3.94 21.86
CA GLN A 51 5.29 -4.55 22.04
C GLN A 51 6.19 -4.38 20.82
N LEU A 52 7.49 -4.21 21.07
CA LEU A 52 8.50 -4.02 20.05
C LEU A 52 9.50 -5.15 20.18
N TRP A 53 9.67 -5.92 19.10
CA TRP A 53 10.48 -7.11 19.06
C TRP A 53 11.59 -6.95 18.03
N VAL A 54 12.81 -7.42 18.39
CA VAL A 54 13.90 -7.52 17.43
C VAL A 54 14.60 -8.85 17.64
N ASP A 55 15.22 -9.37 16.57
CA ASP A 55 16.06 -10.57 16.69
C ASP A 55 17.44 -10.23 17.19
N SER A 56 17.93 -9.02 16.87
CA SER A 56 19.26 -8.59 17.25
C SER A 56 19.19 -7.15 17.75
N THR A 57 20.11 -6.81 18.64
CA THR A 57 20.09 -5.50 19.30
C THR A 57 20.50 -4.39 18.33
N PRO A 58 19.66 -3.37 18.10
CA PRO A 58 20.04 -2.28 17.20
C PRO A 58 21.01 -1.33 17.91
N PRO A 59 21.67 -0.43 17.18
CA PRO A 59 22.69 0.45 17.81
C PRO A 59 22.09 1.47 18.76
N PRO A 60 22.89 1.93 19.74
CA PRO A 60 22.46 3.07 20.57
C PRO A 60 22.10 4.28 19.72
N GLY A 61 21.02 4.94 20.09
CA GLY A 61 20.54 6.08 19.33
C GLY A 61 19.47 5.73 18.33
N THR A 62 19.16 4.43 18.19
CA THR A 62 17.99 3.97 17.45
C THR A 62 16.75 4.53 18.10
N ARG A 63 15.79 4.95 17.27
CA ARG A 63 14.54 5.55 17.76
C ARG A 63 13.34 4.82 17.14
N VAL A 64 12.16 5.03 17.72
CA VAL A 64 10.91 4.42 17.28
C VAL A 64 9.90 5.54 17.05
N ARG A 65 9.39 5.65 15.82
CA ARG A 65 8.43 6.69 15.45
C ARG A 65 7.08 6.07 15.11
N ALA A 66 6.00 6.75 15.52
CA ALA A 66 4.62 6.43 15.19
C ALA A 66 3.93 7.57 14.42
N MET A 67 3.19 7.22 13.38
CA MET A 67 2.49 8.20 12.55
C MET A 67 1.20 7.56 12.07
N ALA A 68 0.13 8.34 11.97
CA ALA A 68 -1.13 7.84 11.46
C ALA A 68 -1.36 8.35 10.04
N ILE A 69 -1.94 7.50 9.18
CA ILE A 69 -2.44 7.88 7.86
C ILE A 69 -3.84 7.33 7.69
N TYR A 70 -4.64 7.95 6.80
CA TYR A 70 -5.89 7.34 6.40
C TYR A 70 -5.63 6.11 5.55
N LYS A 71 -6.46 5.09 5.77
CA LYS A 71 -6.28 3.79 5.10
C LYS A 71 -6.76 3.83 3.65
N GLN A 72 -7.88 4.50 3.38
CA GLN A 72 -8.48 4.50 2.05
C GLN A 72 -7.67 5.38 1.11
N SER A 73 -7.47 4.90 -0.13
N SER A 73 -7.47 4.90 -0.13
N SER A 73 -7.47 4.89 -0.12
CA SER A 73 -6.58 5.57 -1.09
CA SER A 73 -6.58 5.57 -1.09
CA SER A 73 -6.59 5.54 -1.10
C SER A 73 -7.03 7.00 -1.37
C SER A 73 -7.03 7.00 -1.37
C SER A 73 -7.02 6.98 -1.37
N GLN A 74 -8.33 7.23 -1.46
CA GLN A 74 -8.87 8.56 -1.72
C GLN A 74 -8.64 9.55 -0.58
N HIS A 75 -8.24 9.08 0.62
CA HIS A 75 -7.97 9.98 1.72
C HIS A 75 -6.51 9.97 2.19
N MET A 76 -5.64 9.15 1.58
CA MET A 76 -4.31 8.95 2.14
C MET A 76 -3.48 10.24 2.17
N THR A 77 -3.76 11.17 1.27
CA THR A 77 -3.00 12.43 1.20
C THR A 77 -3.42 13.46 2.25
N GLU A 78 -4.51 13.21 2.99
CA GLU A 78 -4.97 14.17 3.99
C GLU A 78 -4.30 13.93 5.33
N VAL A 79 -3.77 14.98 5.95
CA VAL A 79 -3.04 14.77 7.21
C VAL A 79 -4.02 14.38 8.30
N VAL A 80 -3.68 13.33 9.07
CA VAL A 80 -4.53 12.86 10.15
C VAL A 80 -4.26 13.74 11.37
N ARG A 81 -5.31 14.38 11.88
CA ARG A 81 -5.18 15.30 13.01
C ARG A 81 -6.39 15.17 13.92
N ARG A 82 -6.27 15.72 15.12
CA ARG A 82 -7.41 15.85 16.01
C ARG A 82 -8.45 16.81 15.42
N CYS A 83 -9.72 16.58 15.78
CA CYS A 83 -10.87 17.31 15.26
C CYS A 83 -10.89 18.68 15.95
N PRO A 84 -11.74 19.64 15.48
CA PRO A 84 -11.73 20.98 16.10
C PRO A 84 -12.14 21.01 17.55
N HIS A 85 -12.87 20.01 18.03
CA HIS A 85 -13.29 19.97 19.42
C HIS A 85 -12.16 19.46 20.31
N HIS A 86 -11.58 18.31 19.95
CA HIS A 86 -10.56 17.74 20.83
C HIS A 86 -9.23 18.48 20.77
N GLU A 87 -8.94 19.19 19.68
CA GLU A 87 -7.67 19.93 19.64
C GLU A 87 -7.67 21.09 20.63
N ARG A 88 -8.85 21.51 21.10
CA ARG A 88 -9.01 22.59 22.05
C ARG A 88 -9.27 22.08 23.46
N CYS A 89 -9.35 20.75 23.65
CA CYS A 89 -9.41 20.17 25.00
C CYS A 89 -8.19 20.56 25.84
N SER A 90 -8.44 20.96 27.08
CA SER A 90 -7.34 21.18 28.03
C SER A 90 -6.90 19.84 28.63
N ASP A 91 -6.32 19.00 27.77
CA ASP A 91 -5.85 17.67 28.19
C ASP A 91 -4.36 17.49 27.90
N SER A 92 -3.62 18.60 27.87
CA SER A 92 -2.20 18.61 27.60
C SER A 92 -1.43 17.78 28.64
N ASP A 93 -0.29 17.24 28.21
CA ASP A 93 0.64 16.62 29.14
C ASP A 93 1.93 17.42 29.29
N GLY A 94 2.01 18.59 28.67
CA GLY A 94 3.21 19.38 28.68
C GLY A 94 4.17 19.07 27.56
N LEU A 95 3.96 17.97 26.83
CA LEU A 95 4.85 17.59 25.74
C LEU A 95 4.15 17.54 24.40
N ALA A 96 2.98 16.89 24.34
CA ALA A 96 2.29 16.66 23.08
C ALA A 96 1.61 17.94 22.61
N PRO A 97 1.79 18.35 21.35
CA PRO A 97 1.03 19.47 20.84
C PRO A 97 -0.43 19.10 20.77
N PRO A 98 -1.34 20.05 20.99
CA PRO A 98 -2.78 19.71 21.07
C PRO A 98 -3.37 19.15 19.80
N GLN A 99 -2.71 19.32 18.64
CA GLN A 99 -3.26 18.84 17.38
C GLN A 99 -2.96 17.37 17.10
N HIS A 100 -1.99 16.78 17.80
CA HIS A 100 -1.55 15.42 17.50
C HIS A 100 -2.54 14.36 17.99
N LEU A 101 -2.94 13.49 17.07
CA LEU A 101 -3.78 12.34 17.43
C LEU A 101 -3.06 11.35 18.34
N ILE A 102 -1.81 11.00 18.02
CA ILE A 102 -1.05 9.95 18.73
C ILE A 102 -0.11 10.57 19.75
N ARG A 103 -0.26 10.16 21.01
CA ARG A 103 0.66 10.49 22.07
C ARG A 103 1.37 9.23 22.54
N VAL A 104 2.56 9.42 23.11
CA VAL A 104 3.24 8.40 23.88
C VAL A 104 3.02 8.71 25.35
N GLU A 105 2.51 7.74 26.09
CA GLU A 105 2.30 7.93 27.51
C GLU A 105 3.52 7.53 28.34
N GLY A 106 3.86 8.36 29.32
CA GLY A 106 4.90 8.03 30.29
C GLY A 106 6.31 7.92 29.78
N ASN A 107 6.70 8.75 28.83
CA ASN A 107 8.09 8.79 28.36
C ASN A 107 8.47 10.27 28.20
N LEU A 108 9.26 10.77 29.14
CA LEU A 108 9.71 12.16 29.13
C LEU A 108 10.65 12.48 27.98
N ARG A 109 11.19 11.48 27.30
CA ARG A 109 12.04 11.69 26.14
C ARG A 109 11.28 11.62 24.82
N ALA A 110 9.94 11.57 24.87
CA ALA A 110 9.14 11.65 23.65
C ALA A 110 9.35 12.99 22.96
N GLU A 111 9.44 12.95 21.64
CA GLU A 111 9.56 14.15 20.84
C GLU A 111 8.44 14.13 19.79
N TYR A 112 7.84 15.29 19.58
CA TYR A 112 6.73 15.43 18.65
C TYR A 112 7.17 16.26 17.47
N LEU A 113 6.92 15.74 16.26
CA LEU A 113 7.33 16.43 15.04
C LEU A 113 6.10 16.85 14.24
N ASP A 114 6.11 18.13 13.80
CA ASP A 114 5.32 18.62 12.67
C ASP A 114 6.26 18.74 11.47
N ASP A 115 6.08 17.87 10.48
CA ASP A 115 6.98 17.84 9.33
C ASP A 115 6.87 19.10 8.49
N ARG A 116 8.00 19.74 8.23
CA ARG A 116 8.01 21.03 7.55
C ARG A 116 7.53 20.93 6.11
N ASN A 117 7.63 19.76 5.48
CA ASN A 117 7.27 19.58 4.07
C ASN A 117 5.96 18.85 3.85
N THR A 118 5.66 17.85 4.65
CA THR A 118 4.43 17.09 4.49
C THR A 118 3.32 17.51 5.45
N PHE A 119 3.68 18.24 6.50
CA PHE A 119 2.80 18.69 7.59
C PHE A 119 2.24 17.55 8.41
N ARG A 120 2.73 16.33 8.21
CA ARG A 120 2.25 15.21 8.99
C ARG A 120 2.84 15.23 10.39
N HIS A 121 2.07 14.72 11.34
CA HIS A 121 2.49 14.65 12.73
C HIS A 121 3.09 13.30 13.03
N SER A 122 4.01 13.27 13.98
CA SER A 122 4.55 11.98 14.45
C SER A 122 5.15 12.19 15.83
N VAL A 123 5.29 11.08 16.58
CA VAL A 123 5.90 11.09 17.90
C VAL A 123 6.99 10.04 17.92
N VAL A 124 8.17 10.41 18.44
CA VAL A 124 9.32 9.50 18.38
C VAL A 124 9.95 9.40 19.76
N VAL A 125 10.35 8.19 20.13
CA VAL A 125 11.03 7.98 21.41
C VAL A 125 12.34 7.23 21.14
N PRO A 126 13.31 7.34 22.07
CA PRO A 126 14.47 6.47 21.99
C PRO A 126 14.08 5.00 22.11
N CYS A 127 14.71 4.16 21.30
CA CYS A 127 14.54 2.73 21.42
C CYS A 127 15.45 2.22 22.52
N GLU A 128 14.86 1.46 23.46
CA GLU A 128 15.52 0.99 24.66
C GLU A 128 15.62 -0.53 24.64
N PRO A 129 16.69 -1.09 25.18
CA PRO A 129 16.76 -2.54 25.37
C PRO A 129 15.68 -3.01 26.32
N PRO A 130 15.28 -4.27 26.25
CA PRO A 130 14.26 -4.77 27.16
C PRO A 130 14.76 -4.71 28.60
N GLU A 131 13.80 -4.60 29.52
CA GLU A 131 14.13 -4.64 30.94
C GLU A 131 14.68 -6.02 31.31
N VAL A 132 15.17 -6.10 32.55
CA VAL A 132 15.93 -7.28 33.01
C VAL A 132 15.07 -8.53 33.00
N GLY A 133 13.79 -8.41 33.33
CA GLY A 133 12.96 -9.59 33.33
C GLY A 133 12.21 -9.90 32.06
N SER A 134 12.51 -9.24 30.94
CA SER A 134 11.64 -9.25 29.77
C SER A 134 12.40 -9.60 28.50
N ASP A 135 11.64 -9.93 27.45
CA ASP A 135 12.17 -10.25 26.13
C ASP A 135 11.78 -9.25 25.07
N CYS A 136 11.07 -8.19 25.44
CA CYS A 136 10.64 -7.17 24.49
C CYS A 136 10.44 -5.86 25.23
N THR A 137 10.37 -4.79 24.46
CA THR A 137 10.13 -3.46 24.94
C THR A 137 8.67 -3.14 24.67
N THR A 138 8.04 -2.38 25.55
CA THR A 138 6.66 -1.96 25.36
C THR A 138 6.63 -0.44 25.30
N ILE A 139 5.85 0.10 24.38
N ILE A 139 5.84 0.09 24.40
CA ILE A 139 5.57 1.53 24.30
CA ILE A 139 5.59 1.52 24.33
C ILE A 139 4.08 1.69 24.51
C ILE A 139 4.08 1.71 24.49
N HIS A 140 3.68 2.70 25.29
CA HIS A 140 2.27 2.96 25.53
C HIS A 140 1.77 4.14 24.69
N TYR A 141 0.81 3.90 23.80
CA TYR A 141 0.26 4.96 22.98
C TYR A 141 -1.14 5.36 23.45
N ASN A 142 -1.53 6.60 23.12
CA ASN A 142 -2.87 7.09 23.38
C ASN A 142 -3.37 7.68 22.08
N TYR A 143 -4.64 7.45 21.75
CA TYR A 143 -5.30 8.07 20.60
C TYR A 143 -6.33 9.06 21.11
N MET A 144 -6.21 10.32 20.68
CA MET A 144 -6.83 11.44 21.38
C MET A 144 -8.06 12.00 20.67
N CYS A 145 -8.69 11.19 19.82
CA CYS A 145 -9.86 11.54 19.03
C CYS A 145 -10.59 10.25 18.69
N TYR A 146 -11.93 10.28 18.60
CA TYR A 146 -12.66 9.09 18.17
C TYR A 146 -12.58 8.98 16.66
N SER A 147 -12.70 7.76 16.13
CA SER A 147 -12.74 7.57 14.69
C SER A 147 -13.92 8.32 14.07
N SER A 148 -14.99 8.53 14.83
CA SER A 148 -16.21 9.16 14.35
C SER A 148 -16.19 10.68 14.41
N CYS A 149 -15.15 11.32 15.00
CA CYS A 149 -15.18 12.76 15.25
C CYS A 149 -15.39 13.59 13.98
N MET A 150 -16.43 14.41 13.98
CA MET A 150 -16.71 15.25 12.83
C MET A 150 -15.70 16.38 12.74
N GLY A 151 -15.28 16.70 11.52
CA GLY A 151 -14.17 17.61 11.31
C GLY A 151 -12.81 17.01 11.55
N GLY A 152 -12.72 15.73 11.89
CA GLY A 152 -11.47 15.04 12.06
C GLY A 152 -11.50 13.78 11.20
N MET A 153 -11.26 12.63 11.82
CA MET A 153 -11.29 11.38 11.04
C MET A 153 -12.64 11.11 10.41
N ASN A 154 -13.75 11.58 11.00
CA ASN A 154 -15.07 11.57 10.36
C ASN A 154 -15.42 10.18 9.82
N ARG A 155 -15.22 9.17 10.68
CA ARG A 155 -15.56 7.76 10.47
C ARG A 155 -14.63 7.07 9.46
N ARG A 156 -13.55 7.72 9.05
CA ARG A 156 -12.64 7.08 8.11
C ARG A 156 -11.60 6.25 8.87
N PRO A 157 -11.31 5.04 8.40
CA PRO A 157 -10.26 4.22 9.04
C PRO A 157 -8.88 4.83 8.88
N ILE A 158 -8.02 4.59 9.88
CA ILE A 158 -6.64 5.03 9.86
C ILE A 158 -5.74 3.83 10.08
N LEU A 159 -4.49 3.96 9.62
CA LEU A 159 -3.40 3.06 9.96
C LEU A 159 -2.42 3.79 10.86
N THR A 160 -1.82 3.08 11.80
CA THR A 160 -0.66 3.58 12.51
C THR A 160 0.55 2.88 11.91
N ILE A 161 1.54 3.66 11.50
CA ILE A 161 2.80 3.15 10.96
C ILE A 161 3.88 3.32 12.02
N ILE A 162 4.52 2.23 12.40
CA ILE A 162 5.60 2.29 13.38
C ILE A 162 6.90 2.04 12.63
N THR A 163 7.84 2.98 12.74
N THR A 163 7.85 2.97 12.75
CA THR A 163 9.14 2.87 12.08
CA THR A 163 9.13 2.83 12.08
C THR A 163 10.28 2.82 13.08
C THR A 163 10.28 2.80 13.09
N LEU A 164 11.22 1.91 12.84
CA LEU A 164 12.48 1.87 13.56
C LEU A 164 13.47 2.68 12.75
N GLU A 165 14.12 3.63 13.40
CA GLU A 165 15.00 4.58 12.71
C GLU A 165 16.36 4.64 13.36
N ASP A 166 17.39 4.98 12.56
CA ASP A 166 18.68 5.31 13.16
C ASP A 166 18.66 6.76 13.67
N SER A 167 19.82 7.24 14.12
CA SER A 167 19.93 8.55 14.77
C SER A 167 19.70 9.72 13.82
N SER A 168 19.87 9.52 12.51
CA SER A 168 19.54 10.49 11.47
C SER A 168 18.10 10.38 10.98
N GLY A 169 17.33 9.41 11.47
CA GLY A 169 16.00 9.16 10.94
C GLY A 169 15.91 8.25 9.74
N ASN A 170 17.01 7.64 9.29
CA ASN A 170 16.94 6.67 8.21
C ASN A 170 16.22 5.40 8.64
N LEU A 171 15.56 4.77 7.67
CA LEU A 171 14.71 3.61 7.95
C LEU A 171 15.53 2.37 8.31
N LEU A 172 15.18 1.75 9.45
CA LEU A 172 15.72 0.45 9.86
C LEU A 172 14.68 -0.66 9.84
N GLY A 173 13.42 -0.33 10.08
CA GLY A 173 12.34 -1.31 10.06
C GLY A 173 11.00 -0.61 10.04
N ARG A 174 9.97 -1.35 9.62
CA ARG A 174 8.63 -0.77 9.54
C ARG A 174 7.56 -1.84 9.75
N ASP A 175 6.50 -1.48 10.50
CA ASP A 175 5.33 -2.33 10.71
C ASP A 175 4.13 -1.39 10.85
N SER A 176 2.92 -1.94 10.80
CA SER A 176 1.72 -1.11 10.84
C SER A 176 0.52 -1.93 11.29
N PHE A 177 -0.54 -1.21 11.69
CA PHE A 177 -1.81 -1.81 12.09
C PHE A 177 -2.93 -0.78 11.90
N GLU A 178 -4.13 -1.27 11.59
CA GLU A 178 -5.29 -0.37 11.54
C GLU A 178 -5.73 -0.06 12.97
N VAL A 179 -6.39 1.11 13.14
CA VAL A 179 -6.90 1.54 14.45
C VAL A 179 -8.34 2.00 14.27
N ARG A 180 -9.22 1.58 15.19
CA ARG A 180 -10.50 2.24 15.39
C ARG A 180 -10.55 2.73 16.82
N VAL A 181 -10.77 4.02 17.00
CA VAL A 181 -10.96 4.59 18.34
C VAL A 181 -12.46 4.73 18.54
N CYS A 182 -13.03 4.02 19.53
CA CYS A 182 -14.47 3.88 19.66
C CYS A 182 -14.83 3.62 21.13
N ALA A 183 -16.11 3.79 21.44
CA ALA A 183 -16.53 3.68 22.83
C ALA A 183 -16.73 2.23 23.27
N CYS A 184 -16.92 1.31 22.32
CA CYS A 184 -17.16 -0.10 22.65
C CYS A 184 -16.20 -1.00 21.87
N PRO A 185 -14.89 -0.98 22.21
CA PRO A 185 -13.91 -1.74 21.40
C PRO A 185 -14.10 -3.25 21.35
N GLY A 186 -14.56 -3.88 22.44
CA GLY A 186 -14.80 -5.32 22.38
C GLY A 186 -15.95 -5.68 21.47
N ARG A 187 -17.05 -4.93 21.54
CA ARG A 187 -18.21 -5.19 20.68
C ARG A 187 -17.88 -4.93 19.21
N ASP A 188 -17.13 -3.85 18.93
CA ASP A 188 -16.78 -3.53 17.55
C ASP A 188 -15.80 -4.55 16.99
N ARG A 189 -14.87 -5.03 17.80
CA ARG A 189 -13.97 -6.09 17.34
C ARG A 189 -14.76 -7.34 16.98
N ARG A 190 -15.67 -7.77 17.87
CA ARG A 190 -16.42 -8.99 17.62
C ARG A 190 -17.27 -8.87 16.35
N THR A 191 -17.82 -7.68 16.10
CA THR A 191 -18.64 -7.45 14.93
C THR A 191 -17.80 -7.47 13.65
N GLU A 192 -16.70 -6.72 13.63
CA GLU A 192 -15.86 -6.66 12.43
C GLU A 192 -15.20 -8.00 12.13
N GLU A 193 -14.91 -8.81 13.16
CA GLU A 193 -14.38 -10.16 12.91
C GLU A 193 -15.46 -11.06 12.33
N GLU A 194 -16.71 -10.90 12.77
CA GLU A 194 -17.80 -11.71 12.22
C GLU A 194 -18.10 -11.32 10.78
N ASN A 195 -18.02 -10.02 10.45
CA ASN A 195 -18.18 -9.58 9.06
C ASN A 195 -17.15 -10.23 8.15
N LEU A 196 -15.91 -10.37 8.64
CA LEU A 196 -14.85 -10.99 7.85
C LEU A 196 -15.11 -12.49 7.64
N ARG A 197 -15.63 -13.17 8.66
CA ARG A 197 -15.94 -14.60 8.50
C ARG A 197 -17.07 -14.81 7.51
N LYS A 198 -18.16 -14.05 7.64
CA LYS A 198 -19.26 -14.09 6.68
C LYS A 198 -18.84 -13.58 5.31
N SER B 1 -3.35 9.46 -32.48
CA SER B 1 -2.59 10.61 -32.05
C SER B 1 -1.17 10.24 -31.55
N SER B 2 -0.98 8.99 -31.10
CA SER B 2 0.34 8.54 -30.65
C SER B 2 0.73 7.24 -31.32
N SER B 3 2.04 6.98 -31.34
N SER B 3 2.03 6.98 -31.33
CA SER B 3 2.56 5.71 -31.80
CA SER B 3 2.56 5.72 -31.80
C SER B 3 2.13 4.60 -30.85
C SER B 3 2.15 4.60 -30.84
N VAL B 4 2.28 3.36 -31.31
CA VAL B 4 1.77 2.22 -30.60
C VAL B 4 2.95 1.35 -30.20
N PRO B 5 3.23 1.18 -28.91
CA PRO B 5 4.29 0.26 -28.49
C PRO B 5 3.93 -1.16 -28.90
N SER B 6 4.97 -1.92 -29.23
CA SER B 6 4.75 -3.32 -29.58
C SER B 6 4.18 -4.08 -28.38
N GLN B 7 3.28 -5.02 -28.66
CA GLN B 7 2.75 -5.91 -27.64
C GLN B 7 3.20 -7.35 -27.84
N LYS B 8 4.12 -7.57 -28.77
CA LYS B 8 4.50 -8.94 -29.10
C LYS B 8 5.36 -9.55 -28.01
N THR B 9 4.97 -10.76 -27.59
CA THR B 9 5.71 -11.48 -26.57
C THR B 9 7.13 -11.80 -27.03
N TYR B 10 8.10 -11.49 -26.16
CA TYR B 10 9.52 -11.60 -26.52
C TYR B 10 10.27 -12.03 -25.26
N GLN B 11 10.64 -13.31 -25.19
N GLN B 11 10.65 -13.31 -25.20
CA GLN B 11 11.36 -13.83 -24.02
CA GLN B 11 11.37 -13.82 -24.03
C GLN B 11 12.77 -13.25 -23.92
C GLN B 11 12.76 -13.23 -23.92
N GLY B 12 13.43 -13.00 -25.06
CA GLY B 12 14.78 -12.46 -25.04
C GLY B 12 15.83 -13.44 -24.52
N SER B 13 17.02 -12.90 -24.25
N SER B 13 17.03 -12.89 -24.28
CA SER B 13 18.15 -13.76 -23.90
CA SER B 13 18.17 -13.73 -23.89
C SER B 13 18.06 -14.28 -22.48
C SER B 13 18.06 -14.28 -22.48
N TYR B 14 17.24 -13.67 -21.62
CA TYR B 14 17.12 -14.13 -20.24
C TYR B 14 15.94 -15.05 -20.02
N GLY B 15 15.16 -15.35 -21.07
CA GLY B 15 13.96 -16.17 -20.94
C GLY B 15 12.88 -15.57 -20.07
N PHE B 16 12.58 -14.29 -20.30
CA PHE B 16 11.65 -13.56 -19.45
C PHE B 16 10.21 -13.93 -19.73
N ARG B 17 9.43 -14.09 -18.67
CA ARG B 17 7.98 -14.27 -18.78
C ARG B 17 7.35 -13.95 -17.45
N LEU B 18 6.07 -13.63 -17.50
CA LEU B 18 5.29 -13.29 -16.32
C LEU B 18 4.65 -14.54 -15.70
N GLY B 19 4.30 -14.41 -14.43
CA GLY B 19 3.48 -15.41 -13.78
C GLY B 19 2.46 -14.74 -12.88
N PHE B 20 1.43 -15.52 -12.50
CA PHE B 20 0.37 -15.00 -11.65
C PHE B 20 0.00 -16.03 -10.60
N LEU B 21 -0.40 -15.53 -9.43
CA LEU B 21 -0.86 -16.36 -8.33
C LEU B 21 -2.18 -17.06 -8.69
N HIS B 22 -2.47 -18.13 -7.95
CA HIS B 22 -3.72 -18.88 -8.15
C HIS B 22 -4.68 -18.54 -7.01
N SER B 23 -5.36 -17.40 -7.17
CA SER B 23 -6.21 -16.84 -6.13
C SER B 23 -7.67 -17.30 -6.17
N GLY B 24 -8.16 -17.84 -7.27
CA GLY B 24 -9.54 -18.31 -7.28
C GLY B 24 -10.54 -17.20 -7.54
N THR B 25 -11.83 -17.56 -7.43
CA THR B 25 -12.91 -16.64 -7.79
C THR B 25 -13.95 -16.48 -6.69
N ALA B 26 -13.58 -16.63 -5.41
CA ALA B 26 -14.52 -16.41 -4.31
C ALA B 26 -14.95 -14.94 -4.26
N LYS B 27 -15.99 -14.66 -3.45
CA LYS B 27 -16.53 -13.29 -3.42
C LYS B 27 -15.58 -12.31 -2.78
N SER B 28 -14.62 -12.79 -1.98
CA SER B 28 -13.67 -11.94 -1.29
C SER B 28 -12.43 -11.59 -2.10
N VAL B 29 -12.28 -12.17 -3.30
CA VAL B 29 -11.09 -11.92 -4.12
C VAL B 29 -10.99 -10.46 -4.53
N THR B 30 -9.79 -9.91 -4.38
CA THR B 30 -9.44 -8.56 -4.83
C THR B 30 -8.66 -8.55 -6.13
N CYS B 31 -8.03 -9.67 -6.49
CA CYS B 31 -7.26 -9.78 -7.71
C CYS B 31 -7.23 -11.24 -8.12
N THR B 32 -7.53 -11.54 -9.39
CA THR B 32 -7.52 -12.94 -9.84
C THR B 32 -7.18 -12.99 -11.32
N TYR B 33 -6.40 -13.99 -11.72
CA TYR B 33 -5.88 -14.04 -13.08
C TYR B 33 -6.45 -15.24 -13.80
N SER B 34 -6.86 -15.03 -15.03
CA SER B 34 -7.45 -16.10 -15.84
C SER B 34 -6.45 -16.55 -16.89
N PRO B 35 -5.89 -17.78 -16.79
CA PRO B 35 -4.99 -18.26 -17.86
C PRO B 35 -5.71 -18.46 -19.18
N ALA B 36 -6.99 -18.88 -19.16
CA ALA B 36 -7.73 -19.13 -20.39
C ALA B 36 -7.99 -17.85 -21.18
N LEU B 37 -8.18 -16.72 -20.50
CA LEU B 37 -8.39 -15.44 -21.17
C LEU B 37 -7.13 -14.58 -21.22
N ASN B 38 -6.02 -15.03 -20.64
CA ASN B 38 -4.84 -14.17 -20.35
C ASN B 38 -5.26 -12.81 -19.79
N LYS B 39 -6.09 -12.85 -18.76
CA LYS B 39 -6.72 -11.62 -18.31
C LYS B 39 -6.75 -11.51 -16.79
N LEU B 40 -6.33 -10.36 -16.28
N LEU B 40 -6.31 -10.36 -16.28
CA LEU B 40 -6.35 -10.09 -14.86
CA LEU B 40 -6.36 -10.11 -14.86
C LEU B 40 -7.60 -9.31 -14.49
C LEU B 40 -7.63 -9.33 -14.52
N PHE B 41 -8.27 -9.73 -13.43
CA PHE B 41 -9.43 -9.03 -12.91
C PHE B 41 -9.04 -8.50 -11.53
N CYS B 42 -9.23 -7.21 -11.30
CA CYS B 42 -8.85 -6.64 -10.03
C CYS B 42 -9.80 -5.52 -9.63
N GLN B 43 -9.85 -5.24 -8.33
CA GLN B 43 -10.55 -4.09 -7.79
C GLN B 43 -9.66 -2.85 -7.87
N LEU B 44 -10.29 -1.67 -7.71
N LEU B 44 -10.29 -1.67 -7.71
CA LEU B 44 -9.57 -0.41 -7.82
CA LEU B 44 -9.57 -0.41 -7.82
C LEU B 44 -8.60 -0.22 -6.65
C LEU B 44 -8.60 -0.22 -6.65
N ALA B 45 -7.37 0.17 -6.99
CA ALA B 45 -6.29 0.52 -6.04
C ALA B 45 -5.97 -0.60 -5.05
N LYS B 46 -6.19 -1.84 -5.45
CA LYS B 46 -5.88 -3.01 -4.65
C LYS B 46 -4.65 -3.66 -5.22
N THR B 47 -3.95 -4.44 -4.38
CA THR B 47 -2.68 -5.04 -4.76
C THR B 47 -2.88 -6.09 -5.85
N CYS B 48 -2.09 -5.98 -6.92
CA CYS B 48 -2.06 -6.93 -8.03
C CYS B 48 -0.66 -7.53 -8.12
N PRO B 49 -0.45 -8.72 -7.57
CA PRO B 49 0.89 -9.33 -7.65
C PRO B 49 1.14 -9.86 -9.06
N VAL B 50 2.29 -9.50 -9.62
CA VAL B 50 2.75 -10.02 -10.91
C VAL B 50 4.16 -10.57 -10.73
N GLN B 51 4.36 -11.84 -11.06
CA GLN B 51 5.68 -12.48 -10.93
C GLN B 51 6.51 -12.27 -12.17
N LEU B 52 7.82 -12.10 -11.96
CA LEU B 52 8.81 -12.01 -13.02
C LEU B 52 9.65 -13.28 -12.99
N TRP B 53 9.66 -14.03 -14.09
CA TRP B 53 10.41 -15.28 -14.21
C TRP B 53 11.48 -15.14 -15.29
N VAL B 54 12.66 -15.72 -15.05
CA VAL B 54 13.75 -15.71 -16.02
C VAL B 54 14.51 -17.03 -15.94
N ASP B 55 15.05 -17.46 -17.08
CA ASP B 55 15.89 -18.65 -17.13
C ASP B 55 17.30 -18.35 -16.62
N SER B 56 17.76 -17.10 -16.79
CA SER B 56 19.09 -16.64 -16.39
C SER B 56 18.96 -15.26 -15.78
N THR B 57 19.84 -14.98 -14.83
CA THR B 57 19.83 -13.71 -14.08
C THR B 57 20.24 -12.51 -14.94
N PRO B 58 19.43 -11.47 -15.07
CA PRO B 58 19.85 -10.28 -15.83
C PRO B 58 20.83 -9.43 -15.04
N PRO B 59 21.54 -8.47 -15.67
CA PRO B 59 22.59 -7.70 -14.99
C PRO B 59 22.04 -6.70 -14.00
N PRO B 60 22.85 -6.28 -13.01
CA PRO B 60 22.46 -5.16 -12.14
C PRO B 60 22.15 -3.91 -12.96
N GLY B 61 21.09 -3.22 -12.57
CA GLY B 61 20.60 -2.07 -13.31
C GLY B 61 19.52 -2.39 -14.31
N THR B 62 19.21 -3.68 -14.52
CA THR B 62 18.01 -4.05 -15.27
C THR B 62 16.77 -3.43 -14.61
N ARG B 63 15.81 -3.01 -15.43
CA ARG B 63 14.58 -2.41 -14.92
C ARG B 63 13.35 -3.12 -15.52
N VAL B 64 12.19 -2.88 -14.89
CA VAL B 64 10.91 -3.48 -15.29
C VAL B 64 9.89 -2.36 -15.44
N ARG B 65 9.36 -2.19 -16.65
CA ARG B 65 8.45 -1.10 -16.97
C ARG B 65 7.06 -1.65 -17.28
N ALA B 66 6.02 -0.96 -16.81
CA ALA B 66 4.64 -1.33 -17.11
C ALA B 66 3.93 -0.18 -17.83
N MET B 67 3.15 -0.53 -18.86
CA MET B 67 2.44 0.49 -19.64
C MET B 67 1.12 -0.12 -20.06
N ALA B 68 0.06 0.69 -20.08
CA ALA B 68 -1.24 0.23 -20.57
C ALA B 68 -1.49 0.74 -21.98
N ILE B 69 -2.07 -0.12 -22.84
CA ILE B 69 -2.59 0.29 -24.15
C ILE B 69 -3.97 -0.30 -24.31
N TYR B 70 -4.77 0.33 -25.18
CA TYR B 70 -6.07 -0.20 -25.53
C TYR B 70 -5.91 -1.42 -26.43
N LYS B 71 -6.73 -2.42 -26.17
CA LYS B 71 -6.62 -3.70 -26.89
C LYS B 71 -7.17 -3.61 -28.32
N GLN B 72 -8.22 -2.84 -28.54
CA GLN B 72 -8.83 -2.81 -29.86
C GLN B 72 -8.06 -1.89 -30.80
N SER B 73 -8.07 -2.22 -32.10
N SER B 73 -8.06 -2.23 -32.10
CA SER B 73 -7.28 -1.48 -33.08
CA SER B 73 -7.24 -1.49 -33.06
C SER B 73 -7.76 -0.05 -33.24
C SER B 73 -7.73 -0.06 -33.24
N GLN B 74 -9.07 0.17 -33.10
N GLN B 74 -9.05 0.18 -33.12
CA GLN B 74 -9.66 1.50 -33.22
CA GLN B 74 -9.60 1.52 -33.25
C GLN B 74 -9.22 2.42 -32.09
C GLN B 74 -9.22 2.42 -32.09
N HIS B 75 -8.72 1.87 -30.99
CA HIS B 75 -8.37 2.66 -29.83
C HIS B 75 -6.90 2.62 -29.44
N MET B 76 -6.08 1.79 -30.10
N MET B 76 -6.08 1.78 -30.08
CA MET B 76 -4.70 1.59 -29.64
CA MET B 76 -4.71 1.60 -29.61
C MET B 76 -3.86 2.86 -29.73
C MET B 76 -3.86 2.85 -29.73
N THR B 77 -4.19 3.77 -30.64
CA THR B 77 -3.42 5.01 -30.72
C THR B 77 -3.80 6.03 -29.65
N GLU B 78 -4.85 5.81 -28.88
CA GLU B 78 -5.22 6.71 -27.79
C GLU B 78 -4.44 6.39 -26.51
N VAL B 79 -3.96 7.44 -25.83
CA VAL B 79 -3.23 7.23 -24.57
C VAL B 79 -4.20 6.72 -23.50
N VAL B 80 -3.85 5.61 -22.84
CA VAL B 80 -4.61 5.14 -21.68
C VAL B 80 -4.25 6.02 -20.49
N ARG B 81 -5.28 6.64 -19.88
CA ARG B 81 -5.11 7.57 -18.76
C ARG B 81 -6.28 7.42 -17.79
N ARG B 82 -6.17 8.05 -16.63
CA ARG B 82 -7.28 8.05 -15.69
C ARG B 82 -8.38 8.99 -16.20
N CYS B 83 -9.63 8.70 -15.77
CA CYS B 83 -10.83 9.40 -16.24
C CYS B 83 -10.90 10.83 -15.67
N PRO B 84 -11.79 11.71 -16.19
CA PRO B 84 -11.82 13.10 -15.68
C PRO B 84 -12.12 13.23 -14.19
N HIS B 85 -12.69 12.19 -13.57
CA HIS B 85 -13.04 12.21 -12.16
C HIS B 85 -11.84 11.76 -11.32
N HIS B 86 -11.26 10.60 -11.66
CA HIS B 86 -10.17 10.07 -10.83
C HIS B 86 -8.89 10.88 -10.96
N GLU B 87 -8.62 11.50 -12.14
CA GLU B 87 -7.42 12.33 -12.27
C GLU B 87 -7.45 13.53 -11.36
N ARG B 88 -8.64 13.94 -10.88
CA ARG B 88 -8.81 15.09 -9.99
C ARG B 88 -8.97 14.69 -8.53
N CYS B 89 -8.65 13.43 -8.18
CA CYS B 89 -8.82 12.96 -6.80
C CYS B 89 -7.80 13.50 -5.80
N SER B 90 -6.66 14.05 -6.26
CA SER B 90 -5.56 14.50 -5.39
C SER B 90 -5.06 13.37 -4.48
N ASP B 91 -4.90 12.18 -5.06
CA ASP B 91 -4.60 10.96 -4.31
C ASP B 91 -3.21 10.40 -4.65
N SER B 92 -2.30 11.23 -5.18
CA SER B 92 -0.98 10.70 -5.52
C SER B 92 -0.23 10.29 -4.26
N ASP B 93 0.61 9.27 -4.40
CA ASP B 93 1.47 8.90 -3.27
C ASP B 93 2.69 9.80 -3.16
N GLY B 94 2.81 10.84 -4.00
CA GLY B 94 4.00 11.65 -4.07
C GLY B 94 4.94 11.29 -5.19
N LEU B 95 4.85 10.07 -5.76
CA LEU B 95 5.60 9.71 -6.96
C LEU B 95 4.73 9.69 -8.20
N ALA B 96 3.52 9.13 -8.12
CA ALA B 96 2.68 8.91 -9.30
C ALA B 96 1.96 10.18 -9.70
N PRO B 97 2.11 10.68 -10.92
CA PRO B 97 1.25 11.72 -11.43
C PRO B 97 -0.20 11.26 -11.35
N PRO B 98 -1.13 12.16 -11.01
CA PRO B 98 -2.53 11.73 -10.81
C PRO B 98 -3.24 11.31 -12.08
N GLN B 99 -2.67 11.54 -13.26
CA GLN B 99 -3.23 11.04 -14.50
C GLN B 99 -2.93 9.57 -14.77
N HIS B 100 -1.93 8.99 -14.10
CA HIS B 100 -1.47 7.64 -14.47
C HIS B 100 -2.40 6.56 -13.94
N LEU B 101 -2.79 5.66 -14.85
CA LEU B 101 -3.60 4.49 -14.47
C LEU B 101 -2.84 3.52 -13.56
N ILE B 102 -1.61 3.16 -13.93
CA ILE B 102 -0.87 2.10 -13.27
C ILE B 102 0.12 2.68 -12.28
N ARG B 103 0.04 2.21 -11.03
CA ARG B 103 1.00 2.56 -10.00
C ARG B 103 1.69 1.30 -9.52
N VAL B 104 2.89 1.50 -8.95
CA VAL B 104 3.58 0.43 -8.22
C VAL B 104 3.39 0.69 -6.73
N GLU B 105 3.05 -0.36 -5.99
CA GLU B 105 2.81 -0.29 -4.56
C GLU B 105 4.06 -0.76 -3.83
N GLY B 106 4.49 0.03 -2.84
CA GLY B 106 5.57 -0.41 -1.95
C GLY B 106 6.97 -0.43 -2.52
N ASN B 107 7.28 0.47 -3.43
CA ASN B 107 8.65 0.58 -3.94
C ASN B 107 8.97 2.05 -4.05
N LEU B 108 9.81 2.57 -3.15
CA LEU B 108 10.14 3.99 -3.19
C LEU B 108 11.10 4.35 -4.32
N ARG B 109 11.57 3.39 -5.10
CA ARG B 109 12.39 3.66 -6.27
C ARG B 109 11.60 3.64 -7.56
N ALA B 110 10.28 3.47 -7.48
CA ALA B 110 9.47 3.55 -8.69
C ALA B 110 9.55 4.93 -9.33
N GLU B 111 9.67 4.95 -10.65
CA GLU B 111 9.77 6.18 -11.43
C GLU B 111 8.66 6.20 -12.45
N TYR B 112 8.07 7.38 -12.64
CA TYR B 112 6.93 7.52 -13.55
C TYR B 112 7.33 8.38 -14.72
N LEU B 113 7.10 7.88 -15.93
CA LEU B 113 7.48 8.61 -17.14
C LEU B 113 6.24 9.09 -17.89
N ASP B 114 6.24 10.38 -18.25
CA ASP B 114 5.37 10.91 -19.29
C ASP B 114 6.21 11.12 -20.54
N ASP B 115 6.02 10.26 -21.53
CA ASP B 115 6.89 10.24 -22.72
C ASP B 115 6.75 11.55 -23.48
N ARG B 116 7.89 12.21 -23.75
CA ARG B 116 7.83 13.54 -24.35
C ARG B 116 7.36 13.48 -25.80
N ASN B 117 7.45 12.34 -26.47
CA ASN B 117 7.02 12.26 -27.85
C ASN B 117 5.67 11.58 -28.03
N THR B 118 5.40 10.53 -27.25
CA THR B 118 4.16 9.76 -27.43
C THR B 118 3.09 10.14 -26.42
N PHE B 119 3.45 10.85 -25.35
CA PHE B 119 2.56 11.24 -24.26
C PHE B 119 2.02 10.03 -23.48
N ARG B 120 2.55 8.84 -23.70
CA ARG B 120 2.07 7.70 -22.96
C ARG B 120 2.72 7.65 -21.59
N HIS B 121 2.00 7.02 -20.67
CA HIS B 121 2.40 6.91 -19.28
C HIS B 121 3.00 5.55 -19.02
N SER B 122 4.03 5.51 -18.18
CA SER B 122 4.59 4.24 -17.75
C SER B 122 5.20 4.36 -16.36
N VAL B 123 5.29 3.21 -15.67
CA VAL B 123 5.94 3.18 -14.36
C VAL B 123 7.03 2.13 -14.40
N VAL B 124 8.19 2.46 -13.86
CA VAL B 124 9.38 1.60 -13.99
C VAL B 124 10.09 1.47 -12.64
N VAL B 125 10.53 0.26 -12.32
CA VAL B 125 11.22 -0.04 -11.06
C VAL B 125 12.51 -0.77 -11.37
N PRO B 126 13.50 -0.69 -10.46
CA PRO B 126 14.66 -1.59 -10.58
C PRO B 126 14.24 -3.05 -10.50
N CYS B 127 14.82 -3.87 -11.35
CA CYS B 127 14.56 -5.29 -11.29
C CYS B 127 15.38 -5.84 -10.14
N GLU B 128 14.76 -6.64 -9.27
CA GLU B 128 15.44 -7.12 -8.09
C GLU B 128 15.55 -8.63 -8.09
N PRO B 129 16.59 -9.17 -7.45
CA PRO B 129 16.64 -10.62 -7.26
C PRO B 129 15.50 -11.07 -6.38
N PRO B 130 15.11 -12.34 -6.50
CA PRO B 130 14.10 -12.88 -5.57
C PRO B 130 14.59 -12.80 -4.12
N GLU B 131 13.64 -12.56 -3.21
CA GLU B 131 13.95 -12.61 -1.79
C GLU B 131 14.28 -14.05 -1.39
N VAL B 132 14.78 -14.20 -0.15
CA VAL B 132 15.24 -15.51 0.31
C VAL B 132 14.07 -16.48 0.41
N GLY B 133 14.26 -17.68 -0.14
CA GLY B 133 13.21 -18.68 -0.17
C GLY B 133 12.28 -18.64 -1.36
N SER B 134 12.44 -17.67 -2.27
CA SER B 134 11.57 -17.55 -3.43
C SER B 134 12.33 -17.82 -4.72
N ASP B 135 11.60 -18.32 -5.72
CA ASP B 135 12.16 -18.56 -7.05
C ASP B 135 11.84 -17.48 -8.07
N CYS B 136 11.05 -16.46 -7.71
CA CYS B 136 10.77 -15.35 -8.61
C CYS B 136 10.66 -14.05 -7.84
N THR B 137 10.82 -12.98 -8.56
CA THR B 137 10.57 -11.64 -8.04
C THR B 137 9.11 -11.28 -8.31
N THR B 138 8.49 -10.52 -7.39
CA THR B 138 7.13 -10.07 -7.54
C THR B 138 7.11 -8.55 -7.50
N ILE B 139 6.30 -7.95 -8.37
CA ILE B 139 5.97 -6.53 -8.32
C ILE B 139 4.48 -6.39 -8.00
N HIS B 140 4.14 -5.40 -7.16
CA HIS B 140 2.77 -5.18 -6.76
C HIS B 140 2.29 -3.95 -7.52
N TYR B 141 1.29 -4.12 -8.39
CA TYR B 141 0.70 -3.03 -9.15
C TYR B 141 -0.65 -2.65 -8.57
N ASN B 142 -1.04 -1.39 -8.79
CA ASN B 142 -2.36 -0.88 -8.45
C ASN B 142 -2.94 -0.26 -9.72
N TYR B 143 -4.20 -0.55 -10.02
CA TYR B 143 -4.92 0.11 -11.10
C TYR B 143 -5.89 1.15 -10.53
N MET B 144 -5.77 2.40 -10.99
CA MET B 144 -6.39 3.53 -10.32
C MET B 144 -7.65 4.09 -10.97
N CYS B 145 -8.28 3.34 -11.86
CA CYS B 145 -9.55 3.68 -12.51
C CYS B 145 -10.29 2.39 -12.79
N TYR B 146 -11.64 2.43 -12.81
CA TYR B 146 -12.37 1.25 -13.27
C TYR B 146 -12.31 1.15 -14.78
N SER B 147 -12.43 -0.07 -15.31
CA SER B 147 -12.61 -0.20 -16.75
C SER B 147 -13.83 0.53 -17.28
N SER B 148 -14.86 0.67 -16.46
CA SER B 148 -16.10 1.31 -16.86
C SER B 148 -16.09 2.84 -16.76
N CYS B 149 -15.00 3.48 -16.31
CA CYS B 149 -15.07 4.92 -16.00
C CYS B 149 -15.33 5.75 -17.25
N MET B 150 -16.39 6.55 -17.21
N MET B 150 -16.39 6.55 -17.21
CA MET B 150 -16.72 7.43 -18.33
CA MET B 150 -16.73 7.41 -18.35
C MET B 150 -15.65 8.51 -18.51
C MET B 150 -15.68 8.50 -18.52
N GLY B 151 -15.37 8.83 -19.77
CA GLY B 151 -14.32 9.77 -20.12
C GLY B 151 -12.92 9.20 -20.01
N GLY B 152 -12.79 7.95 -19.59
CA GLY B 152 -11.52 7.28 -19.41
C GLY B 152 -11.59 6.05 -20.27
N MET B 153 -11.38 4.88 -19.66
CA MET B 153 -11.38 3.64 -20.43
C MET B 153 -12.75 3.38 -21.02
N ASN B 154 -13.83 3.75 -20.31
CA ASN B 154 -15.18 3.80 -20.91
C ASN B 154 -15.60 2.46 -21.50
N ARG B 155 -15.33 1.39 -20.75
CA ARG B 155 -15.70 0.00 -21.01
C ARG B 155 -14.81 -0.60 -22.09
N ARG B 156 -13.80 0.12 -22.58
CA ARG B 156 -12.89 -0.48 -23.56
C ARG B 156 -11.85 -1.34 -22.83
N PRO B 157 -11.56 -2.56 -23.32
CA PRO B 157 -10.52 -3.37 -22.71
C PRO B 157 -9.12 -2.81 -22.96
N ILE B 158 -8.23 -3.00 -21.96
CA ILE B 158 -6.83 -2.59 -22.05
C ILE B 158 -5.93 -3.80 -21.87
N LEU B 159 -4.70 -3.68 -22.36
CA LEU B 159 -3.62 -4.62 -22.08
C LEU B 159 -2.56 -3.90 -21.26
N THR B 160 -1.94 -4.61 -20.33
CA THR B 160 -0.74 -4.12 -19.67
C THR B 160 0.44 -4.81 -20.33
N ILE B 161 1.39 -4.01 -20.78
CA ILE B 161 2.62 -4.50 -21.37
C ILE B 161 3.74 -4.36 -20.35
N ILE B 162 4.40 -5.45 -20.02
CA ILE B 162 5.53 -5.44 -19.08
C ILE B 162 6.81 -5.66 -19.87
N THR B 163 7.75 -4.71 -19.80
N THR B 163 7.76 -4.76 -19.69
CA THR B 163 9.02 -4.85 -20.50
CA THR B 163 9.01 -4.77 -20.44
C THR B 163 10.18 -4.92 -19.52
C THR B 163 10.19 -4.91 -19.50
N LEU B 164 11.08 -5.85 -19.79
CA LEU B 164 12.36 -5.91 -19.12
C LEU B 164 13.33 -5.08 -19.95
N GLU B 165 14.05 -4.17 -19.30
CA GLU B 165 14.90 -3.20 -20.00
C GLU B 165 16.29 -3.15 -19.36
N ASP B 166 17.30 -2.83 -20.18
CA ASP B 166 18.59 -2.52 -19.57
C ASP B 166 18.58 -1.09 -18.98
N SER B 167 19.72 -0.68 -18.45
CA SER B 167 19.81 0.60 -17.75
C SER B 167 19.63 1.80 -18.68
N SER B 168 19.83 1.63 -19.98
CA SER B 168 19.55 2.68 -20.96
C SER B 168 18.12 2.66 -21.47
N GLY B 169 17.32 1.69 -21.06
CA GLY B 169 15.97 1.50 -21.57
C GLY B 169 15.84 0.61 -22.80
N ASN B 170 16.91 -0.05 -23.24
CA ASN B 170 16.79 -0.94 -24.40
C ASN B 170 16.05 -2.22 -24.04
N LEU B 171 15.31 -2.77 -25.01
CA LEU B 171 14.47 -3.92 -24.76
C LEU B 171 15.29 -5.18 -24.48
N LEU B 172 14.95 -5.87 -23.39
CA LEU B 172 15.48 -7.19 -23.08
C LEU B 172 14.41 -8.28 -23.12
N GLY B 173 13.16 -7.95 -22.81
CA GLY B 173 12.08 -8.93 -22.81
C GLY B 173 10.74 -8.23 -22.74
N ARG B 174 9.68 -8.93 -23.21
CA ARG B 174 8.34 -8.35 -23.20
C ARG B 174 7.28 -9.42 -22.98
N ASP B 175 6.22 -9.08 -22.24
CA ASP B 175 5.06 -9.96 -22.05
C ASP B 175 3.89 -9.04 -21.78
N SER B 176 2.67 -9.59 -21.77
CA SER B 176 1.48 -8.76 -21.64
C SER B 176 0.29 -9.58 -21.18
N PHE B 177 -0.70 -8.88 -20.65
CA PHE B 177 -1.95 -9.49 -20.20
C PHE B 177 -3.05 -8.45 -20.29
N GLU B 178 -4.28 -8.91 -20.56
CA GLU B 178 -5.44 -8.03 -20.51
C GLU B 178 -5.82 -7.76 -19.04
N VAL B 179 -6.48 -6.62 -18.80
CA VAL B 179 -6.88 -6.21 -17.45
C VAL B 179 -8.31 -5.71 -17.48
N ARG B 180 -9.12 -6.15 -16.52
CA ARG B 180 -10.40 -5.52 -16.22
C ARG B 180 -10.38 -5.05 -14.77
N VAL B 181 -10.55 -3.74 -14.55
CA VAL B 181 -10.69 -3.20 -13.21
C VAL B 181 -12.17 -3.07 -12.90
N CYS B 182 -12.64 -3.77 -11.87
CA CYS B 182 -14.07 -3.88 -11.64
C CYS B 182 -14.34 -4.10 -10.16
N ALA B 183 -15.63 -4.03 -9.80
CA ALA B 183 -16.04 -4.21 -8.41
C ALA B 183 -16.03 -5.68 -7.99
N CYS B 184 -16.28 -6.61 -8.90
CA CYS B 184 -16.49 -8.01 -8.54
C CYS B 184 -15.60 -8.90 -9.41
N PRO B 185 -14.28 -8.90 -9.15
CA PRO B 185 -13.36 -9.56 -10.10
C PRO B 185 -13.53 -11.08 -10.16
N GLY B 186 -13.82 -11.72 -9.04
CA GLY B 186 -14.10 -13.15 -9.06
C GLY B 186 -15.36 -13.51 -9.82
N ARG B 187 -16.43 -12.73 -9.64
CA ARG B 187 -17.67 -13.01 -10.34
C ARG B 187 -17.51 -12.74 -11.84
N ASP B 188 -16.77 -11.69 -12.17
CA ASP B 188 -16.58 -11.32 -13.57
C ASP B 188 -15.67 -12.31 -14.29
N ARG B 189 -14.67 -12.88 -13.58
CA ARG B 189 -13.84 -13.92 -14.19
C ARG B 189 -14.66 -15.18 -14.48
N ARG B 190 -15.53 -15.60 -13.54
CA ARG B 190 -16.35 -16.78 -13.79
C ARG B 190 -17.24 -16.59 -15.00
N THR B 191 -17.85 -15.40 -15.12
CA THR B 191 -18.75 -15.12 -16.24
C THR B 191 -18.01 -15.17 -17.57
N GLU B 192 -16.86 -14.49 -17.67
CA GLU B 192 -16.12 -14.46 -18.92
C GLU B 192 -15.54 -15.81 -19.28
N GLU B 193 -15.16 -16.61 -18.27
CA GLU B 193 -14.65 -17.96 -18.54
C GLU B 193 -15.76 -18.89 -19.02
N GLU B 194 -16.92 -18.85 -18.37
CA GLU B 194 -18.07 -19.64 -18.81
C GLU B 194 -18.54 -19.22 -20.21
N ASN B 195 -18.52 -17.90 -20.48
CA ASN B 195 -18.83 -17.42 -21.83
C ASN B 195 -17.88 -18.01 -22.86
N LEU B 196 -16.59 -18.09 -22.52
CA LEU B 196 -15.58 -18.65 -23.42
C LEU B 196 -15.82 -20.13 -23.70
N ARG B 197 -16.44 -20.83 -22.75
CA ARG B 197 -16.84 -22.23 -22.89
C ARG B 197 -18.04 -22.43 -23.84
N LYS B 198 -18.46 -21.39 -24.56
CA LYS B 198 -19.45 -21.50 -25.62
C LYS B 198 -18.82 -21.09 -26.96
#